data_6A0H
#
_entry.id   6A0H
#
_cell.length_a   84.003
_cell.length_b   85.884
_cell.length_c   88.094
_cell.angle_alpha   90.00
_cell.angle_beta   90.00
_cell.angle_gamma   90.00
#
_symmetry.space_group_name_H-M   'P 21 21 21'
#
loop_
_entity.id
_entity.type
_entity.pdbx_description
1 polymer 'Protein N-terminal asparagine amidohydrolase'
2 polymer '5-mer peptide ASN-LEU-ALA-ALA-ARG'
3 non-polymer GLYCEROL
4 non-polymer 'PHOSPHATE ION'
5 water water
#
loop_
_entity_poly.entity_id
_entity_poly.type
_entity_poly.pdbx_seq_one_letter_code
_entity_poly.pdbx_strand_id
1 'polypeptide(L)'
;MPLLVEGRRVRLPQSAGDLVRAHPPLEERARLLRGQSVQQVGPQGLLYVQQRELAVTSPKDGSISILGSDDATTSHIVVL
RHTGNGATCLTHCDGTDTKAEVPLIMNSIKSFSDHAQCGRLEVHLVGGFSDDRQLSQKLTHQLLSEFDRQEDDIHLVTLC
VTELNDREENENHFPVIYGIAVNIKTAEIYRASFQDRGPEEQLRAARTLAGGPMISIYDAETEQLRIGPYSWTPFPHVDF
WLHQDDKQILENLSTSPLAEPPHFVEHIRSTLMFLKKHPSPAHTLFSGNKALLYKKNEDGLWEKISSPGSLEHHHHHH
;
A,B
2 'polypeptide(L)' NLAAR C,D
#
loop_
_chem_comp.id
_chem_comp.type
_chem_comp.name
_chem_comp.formula
GOL non-polymer GLYCEROL 'C3 H8 O3'
PO4 non-polymer 'PHOSPHATE ION' 'O4 P -3'
#
# COMPACT_ATOMS: atom_id res chain seq x y z
N PRO A 2 17.55 -4.90 -9.16
CA PRO A 2 17.88 -6.21 -9.72
C PRO A 2 17.83 -7.32 -8.68
N LEU A 3 17.82 -8.57 -9.14
CA LEU A 3 17.80 -9.73 -8.26
C LEU A 3 19.23 -10.24 -8.07
N LEU A 4 19.65 -10.38 -6.82
CA LEU A 4 21.02 -10.75 -6.49
C LEU A 4 21.04 -12.09 -5.77
N VAL A 5 22.12 -12.84 -5.99
CA VAL A 5 22.39 -14.09 -5.29
C VAL A 5 23.85 -14.09 -4.89
N GLU A 6 24.12 -14.25 -3.58
CA GLU A 6 25.47 -14.22 -3.04
C GLU A 6 26.18 -12.92 -3.40
N GLY A 7 25.44 -11.81 -3.47
CA GLY A 7 25.98 -10.54 -3.86
C GLY A 7 26.10 -10.31 -5.36
N ARG A 8 26.03 -11.36 -6.16
CA ARG A 8 26.13 -11.26 -7.60
C ARG A 8 24.74 -11.33 -8.24
N ARG A 9 24.62 -10.75 -9.43
CA ARG A 9 23.34 -10.67 -10.11
C ARG A 9 23.03 -11.99 -10.82
N VAL A 10 21.74 -12.30 -10.88
CA VAL A 10 21.28 -13.52 -11.55
C VAL A 10 21.16 -13.26 -13.04
N ARG A 11 21.78 -14.13 -13.84
CA ARG A 11 21.66 -14.06 -15.29
C ARG A 11 20.42 -14.86 -15.70
N LEU A 12 19.48 -14.20 -16.38
CA LEU A 12 18.21 -14.76 -16.78
C LEU A 12 18.06 -14.73 -18.30
N PRO A 13 17.33 -15.69 -18.89
CA PRO A 13 16.59 -16.77 -18.23
C PRO A 13 17.47 -17.91 -17.73
N GLN A 14 17.01 -18.61 -16.70
CA GLN A 14 17.75 -19.69 -16.08
C GLN A 14 16.79 -20.47 -15.17
N SER A 15 16.90 -21.80 -15.20
CA SER A 15 16.05 -22.62 -14.35
C SER A 15 16.49 -22.52 -12.90
N ALA A 16 15.53 -22.66 -11.99
CA ALA A 16 15.83 -22.56 -10.57
C ALA A 16 16.70 -23.73 -10.10
N GLY A 17 16.55 -24.90 -10.73
CA GLY A 17 17.40 -26.02 -10.37
C GLY A 17 18.87 -25.75 -10.63
N ASP A 18 19.18 -25.17 -11.80
CA ASP A 18 20.55 -24.80 -12.10
C ASP A 18 21.01 -23.62 -11.24
N LEU A 19 20.10 -22.69 -10.95
CA LEU A 19 20.44 -21.57 -10.08
C LEU A 19 20.77 -22.04 -8.66
N VAL A 20 20.06 -23.06 -8.19
CA VAL A 20 20.33 -23.59 -6.85
C VAL A 20 21.61 -24.43 -6.85
N ARG A 21 21.82 -25.22 -7.91
CA ARG A 21 23.02 -26.04 -7.97
C ARG A 21 24.28 -25.19 -8.04
N ALA A 22 24.21 -24.04 -8.69
CA ALA A 22 25.38 -23.19 -8.88
C ALA A 22 25.73 -22.36 -7.65
N HIS A 23 24.86 -22.32 -6.65
CA HIS A 23 25.08 -21.50 -5.46
C HIS A 23 24.83 -22.33 -4.20
N PRO A 24 25.87 -22.60 -3.40
CA PRO A 24 25.71 -23.50 -2.25
C PRO A 24 24.64 -23.03 -1.27
N PRO A 25 24.62 -21.76 -0.84
CA PRO A 25 23.64 -21.36 0.17
C PRO A 25 22.19 -21.52 -0.27
N LEU A 26 21.90 -21.48 -1.58
CA LEU A 26 20.55 -21.79 -2.03
C LEU A 26 20.26 -23.27 -1.89
N GLU A 27 21.24 -24.13 -2.21
CA GLU A 27 21.06 -25.56 -2.04
C GLU A 27 20.94 -25.91 -0.56
N GLU A 28 21.66 -25.20 0.30
CA GLU A 28 21.59 -25.45 1.74
C GLU A 28 20.17 -25.22 2.26
N ARG A 29 19.54 -24.12 1.86
CA ARG A 29 18.19 -23.83 2.29
C ARG A 29 17.19 -24.84 1.73
N ALA A 30 17.42 -25.34 0.51
CA ALA A 30 16.48 -26.28 -0.10
C ALA A 30 16.55 -27.64 0.57
N ARG A 31 17.75 -28.13 0.87
CA ARG A 31 17.88 -29.40 1.56
C ARG A 31 17.21 -29.35 2.93
N LEU A 32 17.37 -28.23 3.64
CA LEU A 32 16.80 -28.10 4.98
C LEU A 32 15.28 -27.98 4.93
N LEU A 33 14.76 -27.16 4.03
CA LEU A 33 13.32 -26.93 3.96
C LEU A 33 12.57 -28.20 3.57
N ARG A 34 13.14 -29.00 2.66
CA ARG A 34 12.47 -30.22 2.24
C ARG A 34 12.47 -31.27 3.33
N GLY A 35 13.51 -31.32 4.15
CA GLY A 35 13.59 -32.30 5.23
C GLY A 35 12.76 -31.99 6.44
N GLN A 36 12.16 -30.81 6.49
CA GLN A 36 11.32 -30.43 7.63
C GLN A 36 10.06 -31.27 7.67
N SER A 37 9.77 -31.86 8.83
CA SER A 37 8.48 -32.50 9.03
C SER A 37 7.40 -31.42 9.12
N VAL A 38 6.28 -31.66 8.45
CA VAL A 38 5.23 -30.65 8.37
C VAL A 38 4.72 -30.31 9.76
N GLN A 39 4.57 -29.02 10.03
CA GLN A 39 4.05 -28.53 11.30
C GLN A 39 2.57 -28.21 11.18
N GLN A 40 1.83 -28.49 12.24
CA GLN A 40 0.41 -28.16 12.31
C GLN A 40 0.28 -26.84 13.06
N VAL A 41 0.18 -25.75 12.32
CA VAL A 41 0.12 -24.42 12.91
C VAL A 41 -1.28 -24.17 13.44
N GLY A 42 -1.37 -23.73 14.69
CA GLY A 42 -2.65 -23.42 15.30
C GLY A 42 -3.18 -22.08 14.83
N PRO A 43 -4.43 -21.80 15.24
CA PRO A 43 -5.05 -20.53 14.82
C PRO A 43 -4.56 -19.31 15.58
N GLN A 44 -3.82 -19.46 16.67
CA GLN A 44 -3.42 -18.32 17.47
C GLN A 44 -2.42 -17.45 16.72
N GLY A 45 -2.71 -16.15 16.64
CA GLY A 45 -1.81 -15.19 16.00
C GLY A 45 -1.61 -15.43 14.52
N LEU A 46 -2.39 -16.33 13.93
CA LEU A 46 -2.21 -16.72 12.54
C LEU A 46 -2.96 -15.78 11.62
N LEU A 47 -2.36 -15.51 10.47
CA LEU A 47 -3.02 -14.80 9.36
C LEU A 47 -2.86 -15.66 8.12
N TYR A 48 -3.91 -16.40 7.77
CA TYR A 48 -3.86 -17.30 6.62
C TYR A 48 -4.12 -16.52 5.35
N VAL A 49 -3.26 -16.74 4.36
CA VAL A 49 -3.36 -16.10 3.05
C VAL A 49 -3.85 -17.15 2.06
N GLN A 50 -4.90 -16.81 1.32
CA GLN A 50 -5.44 -17.71 0.32
C GLN A 50 -4.76 -17.50 -1.02
N GLN A 51 -5.08 -18.37 -1.97
CA GLN A 51 -4.55 -18.23 -3.32
C GLN A 51 -4.96 -16.89 -3.91
N ARG A 52 -3.98 -16.22 -4.54
CA ARG A 52 -4.19 -14.90 -5.13
C ARG A 52 -4.57 -13.87 -4.07
N GLU A 53 -3.89 -13.92 -2.93
CA GLU A 53 -4.07 -12.95 -1.86
C GLU A 53 -2.72 -12.51 -1.34
N LEU A 54 -2.70 -11.34 -0.71
CA LEU A 54 -1.47 -10.73 -0.20
C LEU A 54 -1.68 -10.30 1.25
N ALA A 55 -0.61 -10.37 2.03
CA ALA A 55 -0.64 -9.95 3.43
C ALA A 55 0.73 -9.43 3.82
N VAL A 56 0.77 -8.21 4.33
CA VAL A 56 2.01 -7.56 4.74
C VAL A 56 1.83 -6.99 6.14
N THR A 57 2.86 -7.09 6.97
CA THR A 57 2.84 -6.56 8.31
C THR A 57 4.27 -6.48 8.84
N SER A 58 4.39 -6.06 10.10
CA SER A 58 5.66 -5.76 10.74
C SER A 58 5.72 -6.44 12.10
N PRO A 59 6.92 -6.70 12.62
CA PRO A 59 7.04 -7.22 13.99
C PRO A 59 6.44 -6.32 15.04
N LYS A 60 6.25 -5.03 14.74
CA LYS A 60 5.58 -4.12 15.67
C LYS A 60 4.10 -4.43 15.81
N ASP A 61 3.57 -5.40 15.06
CA ASP A 61 2.19 -5.83 15.19
C ASP A 61 2.03 -6.67 16.44
N GLY A 62 0.99 -6.40 17.21
CA GLY A 62 0.70 -7.19 18.39
C GLY A 62 -0.27 -8.31 18.12
N SER A 63 -1.03 -8.20 17.03
CA SER A 63 -2.04 -9.19 16.70
C SER A 63 -1.45 -10.38 15.96
N ILE A 64 -0.76 -10.12 14.85
CA ILE A 64 -0.32 -11.17 13.94
C ILE A 64 1.15 -11.48 14.22
N SER A 65 1.44 -12.78 14.34
CA SER A 65 2.80 -13.25 14.53
C SER A 65 3.22 -14.31 13.53
N ILE A 66 2.30 -14.83 12.71
CA ILE A 66 2.60 -15.88 11.75
C ILE A 66 1.81 -15.63 10.47
N LEU A 67 2.50 -15.66 9.34
CA LEU A 67 1.86 -15.68 8.03
C LEU A 67 2.09 -17.04 7.39
N GLY A 68 1.15 -17.45 6.54
CA GLY A 68 1.25 -18.75 5.91
C GLY A 68 0.17 -18.97 4.88
N SER A 69 0.44 -19.93 3.99
CA SER A 69 -0.53 -20.35 2.98
C SER A 69 -0.30 -21.82 2.70
N ASP A 70 -1.29 -22.45 2.06
CA ASP A 70 -1.28 -23.89 1.83
C ASP A 70 -1.83 -24.18 0.44
N ASP A 71 -1.86 -25.46 0.08
CA ASP A 71 -2.44 -25.94 -1.18
C ASP A 71 -1.80 -25.29 -2.39
N ALA A 72 -0.47 -25.31 -2.42
CA ALA A 72 0.30 -24.75 -3.53
C ALA A 72 0.79 -25.91 -4.38
N THR A 73 0.05 -26.18 -5.46
CA THR A 73 0.40 -27.24 -6.39
C THR A 73 1.12 -26.73 -7.62
N THR A 74 0.56 -25.72 -8.30
CA THR A 74 1.25 -25.03 -9.38
C THR A 74 1.57 -23.59 -9.03
N SER A 75 1.31 -23.18 -7.80
CA SER A 75 1.54 -21.81 -7.36
C SER A 75 2.90 -21.69 -6.66
N HIS A 76 3.29 -20.44 -6.42
CA HIS A 76 4.52 -20.14 -5.69
C HIS A 76 4.17 -19.20 -4.56
N ILE A 77 4.41 -19.63 -3.33
CA ILE A 77 4.20 -18.79 -2.15
C ILE A 77 5.45 -17.93 -1.99
N VAL A 78 5.32 -16.64 -2.29
CA VAL A 78 6.45 -15.71 -2.28
C VAL A 78 6.47 -14.99 -0.94
N VAL A 79 7.66 -14.89 -0.34
CA VAL A 79 7.87 -14.16 0.90
C VAL A 79 8.94 -13.09 0.64
N LEU A 80 8.60 -11.84 0.90
CA LEU A 80 9.53 -10.74 0.84
C LEU A 80 9.68 -10.14 2.22
N ARG A 81 10.89 -9.74 2.58
CA ARG A 81 11.15 -9.25 3.92
C ARG A 81 12.32 -8.30 3.93
N HIS A 82 12.12 -7.13 4.53
CA HIS A 82 13.20 -6.20 4.82
C HIS A 82 13.78 -6.56 6.19
N THR A 83 14.97 -7.15 6.20
CA THR A 83 15.60 -7.52 7.45
C THR A 83 15.95 -6.28 8.26
N GLY A 84 16.10 -6.46 9.57
CA GLY A 84 16.29 -5.34 10.46
C GLY A 84 14.96 -4.84 11.02
N ASN A 85 14.23 -4.08 10.21
CA ASN A 85 12.92 -3.58 10.67
C ASN A 85 11.87 -4.69 10.69
N GLY A 86 11.93 -5.62 9.75
CA GLY A 86 11.12 -6.82 9.79
C GLY A 86 9.87 -6.85 8.93
N ALA A 87 9.68 -5.85 8.06
CA ALA A 87 8.48 -5.82 7.23
C ALA A 87 8.40 -7.06 6.36
N THR A 88 7.37 -7.87 6.58
CA THR A 88 7.23 -9.16 5.93
C THR A 88 5.95 -9.19 5.09
N CYS A 89 6.04 -9.75 3.89
CA CYS A 89 4.91 -9.87 2.98
C CYS A 89 4.86 -11.30 2.44
N LEU A 90 3.74 -11.98 2.66
CA LEU A 90 3.51 -13.31 2.09
C LEU A 90 2.34 -13.23 1.12
N THR A 91 2.59 -13.66 -0.11
CA THR A 91 1.55 -13.73 -1.13
C THR A 91 1.54 -15.12 -1.75
N HIS A 92 0.39 -15.51 -2.27
CA HIS A 92 0.20 -16.80 -2.92
C HIS A 92 0.00 -16.54 -4.42
N CYS A 93 1.12 -16.47 -5.15
CA CYS A 93 1.07 -16.15 -6.56
C CYS A 93 0.68 -17.38 -7.37
N ASP A 94 -0.36 -17.23 -8.20
CA ASP A 94 -0.82 -18.30 -9.06
C ASP A 94 -0.51 -18.07 -10.53
N GLY A 95 -0.03 -16.89 -10.90
CA GLY A 95 0.38 -16.63 -12.27
C GLY A 95 -0.67 -16.01 -13.16
N THR A 96 -1.80 -15.55 -12.61
CA THR A 96 -2.80 -14.90 -13.45
C THR A 96 -2.27 -13.60 -14.04
N ASP A 97 -1.49 -12.85 -13.27
CA ASP A 97 -0.97 -11.57 -13.73
C ASP A 97 0.25 -11.21 -12.89
N THR A 98 1.38 -11.86 -13.17
CA THR A 98 2.58 -11.64 -12.38
C THR A 98 3.16 -10.25 -12.61
N LYS A 99 2.99 -9.71 -13.82
CA LYS A 99 3.56 -8.40 -14.14
C LYS A 99 3.04 -7.30 -13.21
N ALA A 100 1.79 -7.43 -12.75
CA ALA A 100 1.19 -6.43 -11.87
C ALA A 100 1.15 -6.85 -10.41
N GLU A 101 1.51 -8.10 -10.09
CA GLU A 101 1.46 -8.56 -8.71
C GLU A 101 2.75 -8.30 -7.95
N VAL A 102 3.90 -8.38 -8.63
CA VAL A 102 5.19 -8.10 -7.99
C VAL A 102 5.28 -6.62 -7.59
N PRO A 103 4.81 -5.67 -8.39
CA PRO A 103 4.73 -4.28 -7.88
C PRO A 103 3.87 -4.15 -6.64
N LEU A 104 2.81 -4.95 -6.50
CA LEU A 104 2.04 -4.94 -5.27
C LEU A 104 2.87 -5.44 -4.09
N ILE A 105 3.75 -6.42 -4.33
CA ILE A 105 4.59 -6.94 -3.27
C ILE A 105 5.66 -5.92 -2.88
N MET A 106 6.30 -5.30 -3.88
CA MET A 106 7.32 -4.30 -3.59
C MET A 106 6.74 -3.09 -2.86
N ASN A 107 5.56 -2.64 -3.29
CA ASN A 107 4.97 -1.46 -2.65
C ASN A 107 4.52 -1.76 -1.23
N SER A 108 4.12 -3.01 -0.95
CA SER A 108 3.70 -3.37 0.39
C SER A 108 4.84 -3.26 1.39
N ILE A 109 6.08 -3.44 0.93
CA ILE A 109 7.24 -3.36 1.79
C ILE A 109 7.90 -1.98 1.75
N LYS A 110 7.92 -1.34 0.58
CA LYS A 110 8.59 -0.06 0.43
C LYS A 110 7.90 1.07 1.19
N SER A 111 6.68 0.86 1.70
CA SER A 111 6.04 1.87 2.52
C SER A 111 6.60 1.91 3.92
N PHE A 112 6.96 0.75 4.48
CA PHE A 112 7.65 0.66 5.77
C PHE A 112 9.05 1.20 5.59
N SER A 113 9.32 2.40 6.10
CA SER A 113 10.67 2.98 6.05
C SER A 113 11.14 3.28 7.46
N ASP A 114 11.91 2.36 8.05
CA ASP A 114 12.54 2.57 9.34
C ASP A 114 13.69 1.57 9.54
N GLN A 117 18.39 2.04 4.47
CA GLN A 117 18.68 2.55 5.80
C GLN A 117 19.35 1.49 6.67
N CYS A 118 18.59 0.42 6.95
CA CYS A 118 19.07 -0.69 7.77
C CYS A 118 18.53 -1.99 7.21
N GLY A 119 19.41 -2.96 6.99
CA GLY A 119 19.01 -4.24 6.46
C GLY A 119 18.98 -4.27 4.95
N ARG A 120 18.46 -5.38 4.42
CA ARG A 120 18.37 -5.59 2.98
C ARG A 120 17.04 -6.27 2.67
N LEU A 121 16.79 -6.45 1.37
CA LEU A 121 15.57 -7.09 0.89
C LEU A 121 15.86 -8.55 0.54
N GLU A 122 15.21 -9.47 1.25
CA GLU A 122 15.35 -10.90 1.01
C GLU A 122 14.03 -11.45 0.50
N VAL A 123 14.09 -12.23 -0.58
CA VAL A 123 12.91 -12.81 -1.20
C VAL A 123 13.00 -14.33 -1.12
N HIS A 124 11.86 -14.99 -0.93
CA HIS A 124 11.78 -16.43 -0.81
C HIS A 124 10.74 -16.96 -1.79
N LEU A 125 11.06 -18.07 -2.46
CA LEU A 125 10.21 -18.67 -3.48
C LEU A 125 10.07 -20.15 -3.19
N VAL A 126 8.84 -20.60 -2.91
CA VAL A 126 8.57 -22.00 -2.59
C VAL A 126 7.30 -22.42 -3.30
N GLY A 127 7.26 -23.68 -3.73
CA GLY A 127 6.04 -24.31 -4.19
C GLY A 127 6.19 -24.89 -5.59
N GLY A 128 5.11 -25.55 -6.03
CA GLY A 128 5.05 -26.09 -7.37
C GLY A 128 5.70 -27.45 -7.50
N PHE A 129 5.62 -27.99 -8.70
CA PHE A 129 6.31 -29.21 -9.08
C PHE A 129 6.42 -29.21 -10.61
N SER A 130 6.91 -30.32 -11.18
CA SER A 130 7.01 -30.46 -12.62
C SER A 130 5.68 -31.04 -13.13
N ASP A 131 4.78 -30.15 -13.52
CA ASP A 131 3.46 -30.57 -13.98
C ASP A 131 3.45 -30.73 -15.50
N ASP A 132 2.36 -31.34 -15.98
CA ASP A 132 2.22 -31.59 -17.41
C ASP A 132 2.01 -30.33 -18.23
N ARG A 133 1.67 -29.20 -17.60
CA ARG A 133 1.34 -27.98 -18.30
C ARG A 133 2.41 -26.90 -18.19
N GLN A 134 3.57 -27.23 -17.62
CA GLN A 134 4.68 -26.28 -17.47
C GLN A 134 4.24 -25.00 -16.76
N LEU A 135 3.32 -25.12 -15.82
CA LEU A 135 2.78 -23.94 -15.14
C LEU A 135 3.75 -23.42 -14.08
N SER A 136 4.30 -24.32 -13.26
CA SER A 136 5.26 -23.90 -12.26
C SER A 136 6.53 -23.36 -12.90
N GLN A 137 6.93 -23.92 -14.04
CA GLN A 137 8.12 -23.42 -14.74
C GLN A 137 7.89 -22.02 -15.27
N LYS A 138 6.72 -21.77 -15.86
CA LYS A 138 6.41 -20.43 -16.37
C LYS A 138 6.23 -19.43 -15.25
N LEU A 139 5.77 -19.87 -14.08
CA LEU A 139 5.57 -18.96 -12.95
C LEU A 139 6.90 -18.54 -12.33
N THR A 140 7.86 -19.47 -12.26
CA THR A 140 9.19 -19.11 -11.77
C THR A 140 9.90 -18.17 -12.73
N HIS A 141 9.75 -18.40 -14.03
CA HIS A 141 10.32 -17.51 -15.05
C HIS A 141 9.81 -16.09 -14.87
N GLN A 142 8.50 -15.93 -14.73
CA GLN A 142 7.90 -14.61 -14.58
C GLN A 142 8.35 -13.95 -13.29
N LEU A 143 8.36 -14.70 -12.19
CA LEU A 143 8.65 -14.11 -10.89
C LEU A 143 10.09 -13.63 -10.80
N LEU A 144 11.03 -14.40 -11.34
CA LEU A 144 12.43 -14.00 -11.30
C LEU A 144 12.69 -12.82 -12.22
N SER A 145 11.96 -12.72 -13.33
CA SER A 145 12.16 -11.62 -14.26
C SER A 145 11.56 -10.32 -13.73
N GLU A 146 10.37 -10.40 -13.10
CA GLU A 146 9.75 -9.20 -12.56
C GLU A 146 10.53 -8.64 -11.38
N PHE A 147 11.14 -9.51 -10.56
CA PHE A 147 11.94 -9.02 -9.45
C PHE A 147 13.26 -8.43 -9.94
N ASP A 148 13.84 -9.01 -11.00
CA ASP A 148 15.10 -8.50 -11.51
C ASP A 148 14.91 -7.20 -12.30
N ARG A 149 13.71 -6.95 -12.80
CA ARG A 149 13.41 -5.69 -13.46
C ARG A 149 13.24 -4.53 -12.49
N GLN A 150 13.25 -4.81 -11.18
CA GLN A 150 13.08 -3.78 -10.18
C GLN A 150 14.35 -2.94 -10.04
N GLU A 151 14.21 -1.79 -9.37
CA GLU A 151 15.34 -0.92 -9.10
C GLU A 151 16.10 -1.32 -7.85
N ASP A 152 15.39 -1.69 -6.79
CA ASP A 152 16.03 -2.04 -5.53
C ASP A 152 16.76 -3.37 -5.63
N ASP A 153 17.85 -3.48 -4.85
CA ASP A 153 18.59 -4.73 -4.78
C ASP A 153 17.83 -5.74 -3.95
N ILE A 154 17.46 -6.86 -4.56
CA ILE A 154 16.68 -7.91 -3.91
C ILE A 154 17.54 -9.16 -3.88
N HIS A 155 17.76 -9.70 -2.69
CA HIS A 155 18.64 -10.84 -2.49
C HIS A 155 17.81 -12.12 -2.38
N LEU A 156 18.03 -13.05 -3.31
CA LEU A 156 17.32 -14.32 -3.30
C LEU A 156 17.94 -15.25 -2.27
N VAL A 157 17.16 -15.61 -1.24
CA VAL A 157 17.63 -16.42 -0.14
C VAL A 157 17.09 -17.85 -0.22
N THR A 158 15.80 -17.99 -0.47
CA THR A 158 15.17 -19.29 -0.62
C THR A 158 14.66 -19.47 -2.05
N LEU A 159 14.84 -20.67 -2.59
CA LEU A 159 14.34 -20.99 -3.92
C LEU A 159 14.11 -22.48 -4.04
N CYS A 160 13.00 -22.97 -3.48
CA CYS A 160 12.67 -24.39 -3.49
C CYS A 160 11.38 -24.60 -4.29
N VAL A 161 11.49 -24.52 -5.60
CA VAL A 161 10.33 -24.54 -6.49
C VAL A 161 10.48 -25.58 -7.58
N THR A 162 9.34 -26.09 -8.04
CA THR A 162 9.21 -26.91 -9.25
C THR A 162 10.07 -28.16 -9.09
N GLU A 163 11.05 -28.40 -9.97
CA GLU A 163 11.93 -29.56 -9.90
C GLU A 163 12.52 -29.75 -8.52
N LEU A 164 12.75 -28.65 -7.80
CA LEU A 164 13.36 -28.67 -6.47
C LEU A 164 12.36 -29.06 -5.39
N ASN A 165 11.08 -29.17 -5.73
CA ASN A 165 10.00 -29.37 -4.77
C ASN A 165 9.09 -30.51 -5.21
N ASP A 166 9.64 -31.51 -5.90
CA ASP A 166 8.85 -32.52 -6.57
C ASP A 166 9.14 -33.91 -6.02
N ARG A 167 8.09 -34.71 -5.89
CA ARG A 167 8.20 -36.11 -5.51
C ARG A 167 7.25 -36.91 -6.39
N GLU A 168 7.45 -38.24 -6.39
CA GLU A 168 6.70 -39.11 -7.29
C GLU A 168 6.26 -40.37 -6.56
N GLU A 169 5.00 -40.75 -6.77
CA GLU A 169 4.45 -42.01 -6.31
C GLU A 169 3.61 -42.61 -7.42
N ASN A 170 3.82 -43.90 -7.70
CA ASN A 170 3.07 -44.62 -8.73
C ASN A 170 3.17 -43.93 -10.09
N GLU A 171 4.37 -43.45 -10.41
CA GLU A 171 4.66 -42.75 -11.66
C GLU A 171 3.76 -41.53 -11.85
N ASN A 172 3.37 -40.90 -10.74
CA ASN A 172 2.60 -39.66 -10.76
C ASN A 172 3.29 -38.64 -9.87
N HIS A 173 3.50 -37.43 -10.40
CA HIS A 173 4.26 -36.40 -9.72
C HIS A 173 3.35 -35.43 -9.01
N PHE A 174 3.81 -34.95 -7.85
CA PHE A 174 3.11 -33.94 -7.06
C PHE A 174 4.13 -33.30 -6.12
N PRO A 175 3.82 -32.12 -5.58
CA PRO A 175 4.85 -31.36 -4.86
C PRO A 175 5.19 -31.97 -3.50
N VAL A 176 6.38 -31.61 -3.01
CA VAL A 176 6.81 -32.02 -1.67
C VAL A 176 6.26 -31.08 -0.61
N ILE A 177 6.44 -29.77 -0.83
CA ILE A 177 5.95 -28.75 0.09
C ILE A 177 4.63 -28.21 -0.44
N TYR A 178 3.55 -28.44 0.31
CA TYR A 178 2.26 -27.89 -0.05
C TYR A 178 2.00 -26.52 0.57
N GLY A 179 2.64 -26.23 1.71
CA GLY A 179 2.43 -24.94 2.36
C GLY A 179 3.57 -24.62 3.30
N ILE A 180 3.74 -23.33 3.54
CA ILE A 180 4.80 -22.84 4.42
C ILE A 180 4.23 -21.76 5.33
N ALA A 181 4.74 -21.71 6.56
CA ALA A 181 4.48 -20.64 7.49
C ALA A 181 5.78 -19.88 7.75
N VAL A 182 5.66 -18.56 7.92
CA VAL A 182 6.82 -17.72 8.20
C VAL A 182 6.54 -16.94 9.48
N ASN A 183 7.39 -17.11 10.49
CA ASN A 183 7.21 -16.45 11.77
C ASN A 183 7.82 -15.06 11.67
N ILE A 184 7.04 -14.05 12.05
CA ILE A 184 7.36 -12.67 11.72
C ILE A 184 8.40 -12.09 12.68
N LYS A 185 8.36 -12.50 13.94
CA LYS A 185 9.31 -11.96 14.91
C LYS A 185 10.72 -12.47 14.65
N THR A 186 10.86 -13.72 14.18
CA THR A 186 12.16 -14.34 14.01
C THR A 186 12.52 -14.62 12.54
N ALA A 187 11.67 -14.22 11.60
CA ALA A 187 11.98 -14.29 10.16
C ALA A 187 12.26 -15.70 9.67
N GLU A 188 11.70 -16.70 10.35
CA GLU A 188 11.99 -18.09 10.06
C GLU A 188 10.83 -18.74 9.33
N ILE A 189 11.14 -19.41 8.22
CA ILE A 189 10.15 -20.06 7.37
C ILE A 189 10.23 -21.56 7.57
N TYR A 190 9.08 -22.22 7.63
CA TYR A 190 9.05 -23.66 7.79
C TYR A 190 7.81 -24.24 7.13
N ARG A 191 7.90 -25.52 6.78
CA ARG A 191 6.74 -26.22 6.24
C ARG A 191 5.63 -26.26 7.29
N ALA A 192 4.39 -26.14 6.83
CA ALA A 192 3.28 -26.06 7.76
C ALA A 192 1.98 -26.47 7.08
N SER A 193 1.05 -26.94 7.90
CA SER A 193 -0.34 -27.13 7.52
C SER A 193 -1.21 -26.22 8.40
N PHE A 194 -2.42 -25.94 7.93
CA PHE A 194 -3.30 -25.01 8.62
C PHE A 194 -4.71 -25.60 8.68
N GLN A 195 -5.15 -25.97 9.88
CA GLN A 195 -6.50 -26.48 10.07
C GLN A 195 -7.52 -25.35 10.03
N ASP A 196 -7.29 -24.29 10.80
CA ASP A 196 -8.15 -23.12 10.80
C ASP A 196 -7.58 -22.11 9.80
N ARG A 197 -8.38 -21.76 8.80
CA ARG A 197 -7.94 -20.91 7.69
C ARG A 197 -8.65 -19.57 7.68
N GLY A 198 -8.89 -19.00 8.86
CA GLY A 198 -9.50 -17.70 8.98
C GLY A 198 -10.97 -17.69 8.61
N PRO A 199 -11.62 -16.54 8.77
CA PRO A 199 -13.04 -16.44 8.43
C PRO A 199 -13.26 -16.18 6.96
N GLU A 200 -14.49 -16.48 6.52
CA GLU A 200 -14.94 -16.22 5.16
C GLU A 200 -14.12 -17.00 4.13
N GLU A 201 -13.91 -18.29 4.41
CA GLU A 201 -13.15 -19.12 3.49
C GLU A 201 -13.87 -19.28 2.16
N GLN A 202 -15.18 -19.56 2.20
CA GLN A 202 -15.95 -19.76 0.97
C GLN A 202 -16.10 -18.45 0.20
N LEU A 203 -16.26 -17.33 0.92
CA LEU A 203 -16.41 -16.05 0.24
C LEU A 203 -15.12 -15.63 -0.45
N ARG A 204 -13.97 -15.85 0.20
CA ARG A 204 -12.70 -15.44 -0.40
C ARG A 204 -12.24 -16.42 -1.47
N ALA A 205 -12.60 -17.70 -1.36
CA ALA A 205 -12.25 -18.66 -2.41
C ALA A 205 -13.10 -18.46 -3.64
N ALA A 206 -14.39 -18.17 -3.46
CA ALA A 206 -15.27 -17.91 -4.61
C ALA A 206 -14.85 -16.67 -5.37
N ARG A 207 -14.21 -15.70 -4.69
CA ARG A 207 -13.75 -14.51 -5.37
C ARG A 207 -12.65 -14.84 -6.38
N THR A 208 -11.74 -15.74 -6.02
CA THR A 208 -10.67 -16.12 -6.94
C THR A 208 -11.17 -17.05 -8.04
N LEU A 209 -12.08 -17.97 -7.70
CA LEU A 209 -12.63 -18.86 -8.72
C LEU A 209 -13.48 -18.10 -9.73
N ALA A 210 -14.09 -16.99 -9.33
CA ALA A 210 -14.85 -16.17 -10.26
C ALA A 210 -13.97 -15.31 -11.14
N GLY A 211 -12.67 -15.24 -10.85
CA GLY A 211 -11.75 -14.44 -11.64
C GLY A 211 -11.32 -13.13 -11.03
N GLY A 212 -11.29 -13.03 -9.70
CA GLY A 212 -10.85 -11.81 -9.04
C GLY A 212 -9.36 -11.66 -9.07
N PRO A 213 -8.88 -10.42 -9.01
CA PRO A 213 -7.44 -10.17 -8.99
C PRO A 213 -6.86 -10.30 -7.58
N MET A 214 -5.53 -10.27 -7.51
CA MET A 214 -4.85 -10.35 -6.23
C MET A 214 -5.13 -9.10 -5.41
N ILE A 215 -5.43 -9.29 -4.13
CA ILE A 215 -5.81 -8.22 -3.23
C ILE A 215 -4.98 -8.30 -1.95
N SER A 216 -4.94 -7.19 -1.22
CA SER A 216 -4.34 -7.13 0.10
C SER A 216 -5.45 -7.27 1.15
N ILE A 217 -5.27 -8.21 2.07
CA ILE A 217 -6.33 -8.59 3.00
C ILE A 217 -6.08 -8.12 4.42
N TYR A 218 -4.96 -7.45 4.68
CA TYR A 218 -4.61 -7.04 6.04
C TYR A 218 -4.14 -5.59 6.02
N ASP A 219 -4.64 -4.80 6.97
CA ASP A 219 -4.22 -3.41 7.17
C ASP A 219 -3.42 -3.34 8.46
N ALA A 220 -2.10 -3.16 8.33
CA ALA A 220 -1.22 -3.23 9.48
C ALA A 220 -1.37 -2.02 10.41
N GLU A 221 -1.95 -0.92 9.94
CA GLU A 221 -2.09 0.27 10.77
C GLU A 221 -3.12 0.04 11.88
N THR A 222 -4.28 -0.50 11.52
CA THR A 222 -5.35 -0.77 12.47
C THR A 222 -5.38 -2.23 12.92
N GLU A 223 -4.53 -3.08 12.34
CA GLU A 223 -4.50 -4.51 12.65
C GLU A 223 -5.87 -5.15 12.42
N GLN A 224 -6.44 -4.87 11.25
CA GLN A 224 -7.77 -5.36 10.88
C GLN A 224 -7.67 -6.29 9.68
N LEU A 225 -8.58 -7.25 9.62
CA LEU A 225 -8.79 -8.08 8.44
C LEU A 225 -9.97 -7.51 7.67
N ARG A 226 -9.73 -7.17 6.40
CA ARG A 226 -10.72 -6.45 5.59
C ARG A 226 -11.07 -7.32 4.39
N ILE A 227 -12.24 -7.94 4.44
CA ILE A 227 -12.73 -8.84 3.41
C ILE A 227 -13.90 -8.17 2.72
N GLY A 228 -13.64 -7.50 1.61
CA GLY A 228 -14.70 -6.92 0.82
C GLY A 228 -14.55 -5.43 0.59
N PRO A 229 -15.47 -4.84 -0.18
CA PRO A 229 -16.55 -5.57 -0.87
C PRO A 229 -16.10 -6.19 -2.19
N TYR A 230 -16.68 -7.34 -2.54
CA TYR A 230 -16.36 -8.05 -3.76
C TYR A 230 -17.54 -8.03 -4.71
N SER A 231 -17.26 -7.91 -6.00
CA SER A 231 -18.28 -7.99 -7.04
C SER A 231 -17.73 -8.79 -8.21
N TRP A 232 -18.55 -9.66 -8.77
CA TRP A 232 -18.10 -10.51 -9.86
C TRP A 232 -19.26 -10.82 -10.79
N THR A 233 -18.92 -11.16 -12.03
CA THR A 233 -19.91 -11.65 -12.98
C THR A 233 -20.37 -13.03 -12.54
N PRO A 234 -21.67 -13.34 -12.66
CA PRO A 234 -22.14 -14.69 -12.34
C PRO A 234 -21.34 -15.74 -13.10
N PHE A 235 -20.88 -16.76 -12.36
CA PHE A 235 -20.00 -17.76 -12.94
C PHE A 235 -20.73 -18.58 -13.99
N PRO A 236 -20.15 -18.77 -15.18
CA PRO A 236 -20.87 -19.46 -16.24
C PRO A 236 -21.02 -20.96 -15.96
N HIS A 237 -22.25 -21.44 -16.11
CA HIS A 237 -22.55 -22.88 -16.03
C HIS A 237 -22.23 -23.45 -14.65
N VAL A 238 -22.76 -22.79 -13.62
CA VAL A 238 -22.54 -23.26 -12.25
C VAL A 238 -23.24 -24.59 -12.02
N ASP A 239 -24.46 -24.73 -12.56
CA ASP A 239 -25.21 -25.97 -12.36
C ASP A 239 -24.62 -27.13 -13.13
N PHE A 240 -24.00 -26.85 -14.28
CA PHE A 240 -23.38 -27.92 -15.06
C PHE A 240 -22.17 -28.50 -14.33
N TRP A 241 -21.32 -27.64 -13.76
CA TRP A 241 -20.16 -28.13 -13.03
C TRP A 241 -20.53 -28.69 -11.65
N LEU A 242 -21.63 -28.23 -11.06
CA LEU A 242 -22.08 -28.77 -9.79
C LEU A 242 -22.71 -30.15 -9.92
N HIS A 243 -22.88 -30.65 -11.15
CA HIS A 243 -23.46 -31.97 -11.38
C HIS A 243 -22.50 -32.97 -11.97
N GLN A 244 -21.30 -32.55 -12.38
CA GLN A 244 -20.31 -33.48 -12.90
C GLN A 244 -19.74 -34.34 -11.77
N ASP A 245 -19.03 -35.39 -12.17
CA ASP A 245 -18.37 -36.26 -11.20
C ASP A 245 -17.07 -35.61 -10.73
N ASP A 246 -16.44 -36.24 -9.72
CA ASP A 246 -15.22 -35.70 -9.15
C ASP A 246 -14.09 -35.65 -10.16
N LYS A 247 -14.05 -36.61 -11.09
CA LYS A 247 -12.96 -36.66 -12.07
C LYS A 247 -13.03 -35.47 -13.03
N GLN A 248 -14.22 -35.18 -13.57
CA GLN A 248 -14.36 -34.07 -14.50
C GLN A 248 -14.34 -32.71 -13.81
N ILE A 249 -14.40 -32.67 -12.48
CA ILE A 249 -14.26 -31.41 -11.77
C ILE A 249 -12.79 -31.02 -11.65
N LEU A 250 -11.92 -31.99 -11.34
CA LEU A 250 -10.51 -31.68 -11.17
C LEU A 250 -9.83 -31.39 -12.51
N GLU A 251 -10.33 -31.97 -13.60
CA GLU A 251 -9.66 -31.82 -14.88
C GLU A 251 -9.82 -30.42 -15.45
N ASN A 252 -10.92 -29.74 -15.15
CA ASN A 252 -11.23 -28.45 -15.76
C ASN A 252 -11.22 -27.28 -14.79
N LEU A 253 -11.46 -27.51 -13.50
CA LEU A 253 -11.44 -26.44 -12.51
C LEU A 253 -10.14 -26.37 -11.73
N SER A 254 -9.24 -27.32 -11.92
CA SER A 254 -7.95 -27.36 -11.25
C SER A 254 -6.82 -27.29 -12.27
N THR A 255 -5.72 -26.67 -11.86
CA THR A 255 -4.53 -26.60 -12.70
C THR A 255 -3.71 -27.88 -12.65
N SER A 256 -3.94 -28.74 -11.67
CA SER A 256 -3.25 -30.01 -11.54
C SER A 256 -4.26 -31.05 -11.09
N PRO A 257 -4.80 -31.85 -12.02
CA PRO A 257 -5.88 -32.78 -11.63
C PRO A 257 -5.43 -33.86 -10.66
N LEU A 258 -4.22 -34.39 -10.84
CA LEU A 258 -3.74 -35.53 -10.07
C LEU A 258 -2.85 -35.15 -8.89
N ALA A 259 -2.61 -33.86 -8.68
CA ALA A 259 -1.67 -33.40 -7.65
C ALA A 259 -2.36 -32.63 -6.52
N GLU A 260 -3.66 -32.79 -6.37
CA GLU A 260 -4.32 -32.03 -5.33
C GLU A 260 -4.31 -32.77 -4.01
N PRO A 261 -4.31 -32.05 -2.89
CA PRO A 261 -4.51 -32.69 -1.58
C PRO A 261 -5.89 -33.32 -1.51
N PRO A 262 -6.10 -34.25 -0.57
CA PRO A 262 -7.41 -34.91 -0.49
C PRO A 262 -8.54 -33.92 -0.22
N HIS A 263 -9.74 -34.32 -0.61
CA HIS A 263 -10.97 -33.54 -0.42
C HIS A 263 -10.92 -32.20 -1.14
N PHE A 264 -10.10 -32.09 -2.19
CA PHE A 264 -10.08 -30.84 -2.96
C PHE A 264 -11.37 -30.67 -3.75
N VAL A 265 -12.01 -31.78 -4.13
CA VAL A 265 -13.30 -31.69 -4.80
C VAL A 265 -14.36 -31.12 -3.87
N GLU A 266 -14.29 -31.48 -2.57
CA GLU A 266 -15.19 -30.89 -1.60
C GLU A 266 -15.00 -29.38 -1.52
N HIS A 267 -13.76 -28.92 -1.64
CA HIS A 267 -13.49 -27.48 -1.67
C HIS A 267 -14.09 -26.85 -2.92
N ILE A 268 -14.04 -27.56 -4.04
CA ILE A 268 -14.60 -27.01 -5.29
C ILE A 268 -16.12 -27.00 -5.23
N ARG A 269 -16.72 -28.12 -4.82
CA ARG A 269 -18.18 -28.18 -4.74
C ARG A 269 -18.71 -27.15 -3.75
N SER A 270 -18.05 -27.00 -2.60
CA SER A 270 -18.48 -26.01 -1.63
C SER A 270 -18.35 -24.60 -2.18
N THR A 271 -17.28 -24.34 -2.93
CA THR A 271 -17.09 -23.01 -3.50
C THR A 271 -18.06 -22.77 -4.66
N LEU A 272 -18.23 -23.76 -5.53
CA LEU A 272 -19.22 -23.63 -6.61
C LEU A 272 -20.62 -23.47 -6.05
N MET A 273 -20.91 -24.12 -4.92
CA MET A 273 -22.21 -23.93 -4.27
C MET A 273 -22.39 -22.49 -3.82
N PHE A 274 -21.32 -21.85 -3.37
CA PHE A 274 -21.42 -20.46 -2.92
C PHE A 274 -21.71 -19.52 -4.08
N LEU A 275 -21.05 -19.75 -5.23
CA LEU A 275 -21.29 -18.90 -6.39
C LEU A 275 -22.72 -19.05 -6.92
N LYS A 276 -23.33 -20.22 -6.70
CA LYS A 276 -24.69 -20.44 -7.17
C LYS A 276 -25.70 -19.63 -6.36
N LYS A 277 -25.54 -19.61 -5.03
CA LYS A 277 -26.45 -18.85 -4.19
C LYS A 277 -26.24 -17.34 -4.34
N HIS A 278 -25.02 -16.91 -4.61
CA HIS A 278 -24.69 -15.48 -4.74
C HIS A 278 -24.14 -15.22 -6.13
N PRO A 279 -25.01 -15.03 -7.13
CA PRO A 279 -24.50 -14.65 -8.46
C PRO A 279 -23.86 -13.29 -8.48
N SER A 280 -24.37 -12.33 -7.71
CA SER A 280 -23.80 -10.99 -7.64
C SER A 280 -23.82 -10.54 -6.17
N PRO A 281 -22.68 -10.62 -5.49
CA PRO A 281 -22.66 -10.28 -4.06
C PRO A 281 -22.35 -8.82 -3.80
N ALA A 282 -22.55 -7.96 -4.80
CA ALA A 282 -22.17 -6.57 -4.68
C ALA A 282 -22.91 -5.88 -3.54
N HIS A 283 -24.24 -5.90 -3.59
CA HIS A 283 -25.07 -5.24 -2.58
C HIS A 283 -25.92 -6.24 -1.80
N THR A 284 -25.45 -7.48 -1.66
CA THR A 284 -26.14 -8.50 -0.90
C THR A 284 -25.37 -8.98 0.31
N LEU A 285 -24.04 -9.12 0.19
CA LEU A 285 -23.21 -9.54 1.30
C LEU A 285 -22.48 -8.38 1.97
N PHE A 286 -22.50 -7.19 1.38
CA PHE A 286 -21.80 -6.02 1.92
C PHE A 286 -22.82 -4.89 2.05
N SER A 287 -23.42 -4.79 3.24
CA SER A 287 -24.37 -3.71 3.50
C SER A 287 -23.63 -2.39 3.65
N GLY A 288 -24.12 -1.36 2.94
CA GLY A 288 -23.45 -0.08 2.94
C GLY A 288 -22.14 -0.04 2.19
N ASN A 289 -21.82 -1.10 1.44
CA ASN A 289 -20.57 -1.19 0.68
C ASN A 289 -19.36 -1.02 1.59
N LYS A 290 -19.45 -1.57 2.80
CA LYS A 290 -18.34 -1.58 3.75
C LYS A 290 -17.77 -2.99 3.84
N ALA A 291 -16.47 -3.07 4.09
CA ALA A 291 -15.79 -4.35 4.17
C ALA A 291 -16.17 -5.07 5.45
N LEU A 292 -16.02 -6.40 5.43
CA LEU A 292 -16.24 -7.23 6.60
C LEU A 292 -14.99 -7.14 7.47
N LEU A 293 -15.09 -6.40 8.57
CA LEU A 293 -13.94 -6.10 9.40
C LEU A 293 -13.77 -7.14 10.51
N TYR A 294 -12.52 -7.52 10.77
CA TYR A 294 -12.19 -8.48 11.80
C TYR A 294 -10.97 -7.97 12.57
N LYS A 295 -10.89 -8.38 13.84
CA LYS A 295 -9.75 -8.04 14.67
C LYS A 295 -9.37 -9.26 15.50
N LYS A 296 -8.11 -9.30 15.93
CA LYS A 296 -7.63 -10.45 16.69
C LYS A 296 -8.15 -10.39 18.12
N ASN A 297 -8.62 -11.54 18.61
CA ASN A 297 -9.21 -11.66 19.93
C ASN A 297 -8.13 -11.64 21.00
N GLU A 298 -8.59 -11.57 22.26
CA GLU A 298 -7.68 -11.74 23.38
C GLU A 298 -6.98 -13.09 23.34
N ASP A 299 -7.66 -14.12 22.82
CA ASP A 299 -7.10 -15.46 22.68
C ASP A 299 -6.49 -15.71 21.31
N GLY A 300 -6.26 -14.64 20.53
CA GLY A 300 -5.59 -14.78 19.26
C GLY A 300 -6.45 -15.29 18.12
N LEU A 301 -7.77 -15.13 18.21
CA LEU A 301 -8.68 -15.58 17.16
C LEU A 301 -9.27 -14.38 16.42
N TRP A 302 -9.78 -14.65 15.23
CA TRP A 302 -10.40 -13.62 14.40
C TRP A 302 -11.86 -13.48 14.80
N GLU A 303 -12.20 -12.38 15.45
CA GLU A 303 -13.56 -12.10 15.87
C GLU A 303 -14.10 -10.91 15.10
N LYS A 304 -15.38 -10.99 14.73
CA LYS A 304 -16.01 -9.94 13.94
C LYS A 304 -16.19 -8.69 14.78
N ILE A 305 -15.96 -7.52 14.17
CA ILE A 305 -16.16 -6.25 14.85
C ILE A 305 -17.56 -5.73 14.57
N PRO B 2 2.99 3.19 -15.71
CA PRO B 2 3.77 4.36 -16.15
C PRO B 2 2.98 5.65 -16.05
N LEU B 3 3.65 6.78 -16.21
CA LEU B 3 3.02 8.10 -16.16
C LEU B 3 2.69 8.53 -17.59
N LEU B 4 1.40 8.73 -17.86
CA LEU B 4 0.92 9.07 -19.19
C LEU B 4 0.32 10.47 -19.20
N VAL B 5 0.51 11.16 -20.32
CA VAL B 5 -0.17 12.43 -20.60
C VAL B 5 -0.74 12.29 -22.01
N GLU B 6 -2.07 12.28 -22.12
CA GLU B 6 -2.76 12.10 -23.39
C GLU B 6 -2.37 10.79 -24.05
N GLY B 7 -2.20 9.74 -23.24
CA GLY B 7 -1.83 8.44 -23.75
C GLY B 7 -0.38 8.27 -24.13
N ARG B 8 0.42 9.32 -24.04
CA ARG B 8 1.85 9.26 -24.33
C ARG B 8 2.62 9.15 -23.03
N ARG B 9 3.56 8.20 -22.98
CA ARG B 9 4.38 8.04 -21.79
C ARG B 9 5.36 9.20 -21.67
N VAL B 10 5.50 9.73 -20.46
CA VAL B 10 6.40 10.85 -20.20
C VAL B 10 7.83 10.36 -20.13
N ARG B 11 8.75 11.12 -20.72
CA ARG B 11 10.17 10.86 -20.65
C ARG B 11 10.82 11.87 -19.72
N LEU B 12 11.78 11.40 -18.93
CA LEU B 12 12.46 12.18 -17.92
C LEU B 12 13.95 12.08 -18.11
N PRO B 13 14.73 13.05 -17.60
CA PRO B 13 14.31 14.26 -16.89
C PRO B 13 13.70 15.32 -17.82
N GLN B 14 12.70 16.03 -17.33
CA GLN B 14 12.03 17.05 -18.11
C GLN B 14 11.28 17.99 -17.16
N SER B 15 11.49 19.29 -17.34
CA SER B 15 10.83 20.27 -16.49
C SER B 15 9.31 20.29 -16.78
N ALA B 16 8.56 20.77 -15.79
CA ALA B 16 7.10 20.80 -15.94
C ALA B 16 6.65 21.74 -17.03
N GLY B 17 7.39 22.83 -17.26
CA GLY B 17 7.03 23.75 -18.33
C GLY B 17 7.13 23.09 -19.70
N ASP B 18 8.19 22.30 -19.92
CA ASP B 18 8.30 21.57 -21.17
C ASP B 18 7.18 20.55 -21.32
N LEU B 19 6.77 19.93 -20.21
CA LEU B 19 5.69 18.95 -20.26
C LEU B 19 4.35 19.62 -20.53
N VAL B 20 4.13 20.80 -19.93
CA VAL B 20 2.87 21.50 -20.13
C VAL B 20 2.81 22.14 -21.52
N ARG B 21 3.94 22.66 -21.99
CA ARG B 21 3.96 23.24 -23.34
C ARG B 21 3.66 22.21 -24.41
N ALA B 22 4.01 20.95 -24.17
CA ALA B 22 3.78 19.90 -25.16
C ALA B 22 2.35 19.40 -25.19
N HIS B 23 1.54 19.73 -24.19
CA HIS B 23 0.18 19.20 -24.08
C HIS B 23 -0.79 20.33 -23.79
N PRO B 24 -1.73 20.62 -24.69
CA PRO B 24 -2.72 21.67 -24.44
C PRO B 24 -3.50 21.47 -23.15
N PRO B 25 -4.02 20.26 -22.86
CA PRO B 25 -4.87 20.14 -21.65
C PRO B 25 -4.17 20.47 -20.36
N LEU B 26 -2.85 20.22 -20.26
CA LEU B 26 -2.13 20.54 -19.03
C LEU B 26 -1.98 22.03 -18.84
N GLU B 27 -1.97 22.81 -19.93
CA GLU B 27 -1.86 24.26 -19.79
C GLU B 27 -3.21 24.89 -19.47
N GLU B 28 -4.29 24.38 -20.07
CA GLU B 28 -5.63 24.84 -19.72
C GLU B 28 -5.95 24.54 -18.26
N ARG B 29 -5.56 23.35 -17.80
CA ARG B 29 -5.79 22.97 -16.40
C ARG B 29 -5.10 23.94 -15.45
N ALA B 30 -3.82 24.24 -15.70
CA ALA B 30 -3.10 25.14 -14.82
C ALA B 30 -3.62 26.58 -14.95
N ARG B 31 -3.97 26.99 -16.17
CA ARG B 31 -4.50 28.34 -16.37
C ARG B 31 -5.81 28.52 -15.61
N LEU B 32 -6.69 27.51 -15.65
CA LEU B 32 -7.97 27.61 -14.95
C LEU B 32 -7.76 27.58 -13.44
N LEU B 33 -6.90 26.69 -12.95
CA LEU B 33 -6.69 26.55 -11.52
C LEU B 33 -6.04 27.79 -10.93
N ARG B 34 -5.18 28.47 -11.70
CA ARG B 34 -4.52 29.67 -11.20
C ARG B 34 -5.49 30.82 -11.02
N GLY B 35 -6.45 30.96 -11.94
CA GLY B 35 -7.37 32.08 -11.89
C GLY B 35 -8.57 31.85 -11.00
N GLN B 36 -8.43 31.03 -9.97
CA GLN B 36 -9.51 30.71 -9.05
C GLN B 36 -9.37 31.54 -7.78
N SER B 37 -10.52 31.84 -7.16
CA SER B 37 -10.55 32.56 -5.90
C SER B 37 -10.50 31.57 -4.74
N VAL B 38 -9.68 31.88 -3.74
CA VAL B 38 -9.55 31.01 -2.58
C VAL B 38 -10.84 31.04 -1.79
N GLN B 39 -11.37 29.85 -1.48
CA GLN B 39 -12.67 29.70 -0.82
C GLN B 39 -12.46 29.14 0.57
N GLN B 40 -12.99 29.84 1.58
CA GLN B 40 -12.85 29.41 2.97
C GLN B 40 -13.76 28.21 3.22
N VAL B 41 -13.16 27.03 3.37
CA VAL B 41 -13.91 25.80 3.62
C VAL B 41 -14.04 25.60 5.12
N GLY B 42 -15.25 25.31 5.57
CA GLY B 42 -15.51 25.09 6.97
C GLY B 42 -15.24 23.66 7.37
N PRO B 43 -15.30 23.41 8.68
CA PRO B 43 -15.01 22.07 9.21
C PRO B 43 -16.13 21.07 9.06
N GLN B 44 -17.22 21.45 8.39
CA GLN B 44 -18.37 20.55 8.22
C GLN B 44 -18.05 19.54 7.12
N GLY B 45 -17.87 18.27 7.50
CA GLY B 45 -17.56 17.23 6.55
C GLY B 45 -16.16 17.29 5.97
N LEU B 46 -15.27 18.05 6.60
CA LEU B 46 -13.91 18.25 6.10
C LEU B 46 -12.95 17.32 6.82
N LEU B 47 -11.88 16.93 6.11
CA LEU B 47 -10.75 16.21 6.68
C LEU B 47 -9.47 16.92 6.27
N TYR B 48 -8.87 17.65 7.21
CA TYR B 48 -7.65 18.38 6.90
C TYR B 48 -6.44 17.44 6.94
N VAL B 49 -5.48 17.74 6.07
CA VAL B 49 -4.24 16.98 5.96
C VAL B 49 -3.09 17.95 6.13
N GLN B 50 -2.33 17.79 7.21
CA GLN B 50 -1.20 18.66 7.46
C GLN B 50 -0.01 18.24 6.59
N GLN B 51 1.08 18.98 6.72
CA GLN B 51 2.29 18.66 5.96
C GLN B 51 2.80 17.28 6.35
N ARG B 52 3.18 16.50 5.33
CA ARG B 52 3.72 15.15 5.50
C ARG B 52 2.68 14.23 6.16
N GLU B 53 1.45 14.31 5.66
CA GLU B 53 0.37 13.44 6.11
C GLU B 53 -0.40 12.94 4.88
N LEU B 54 -1.21 11.91 5.09
CA LEU B 54 -1.95 11.28 4.01
C LEU B 54 -3.34 10.90 4.50
N ALA B 55 -4.32 10.96 3.60
CA ALA B 55 -5.69 10.58 3.90
C ALA B 55 -6.34 10.06 2.62
N VAL B 56 -7.02 8.91 2.72
CA VAL B 56 -7.65 8.27 1.58
C VAL B 56 -9.08 7.88 1.95
N THR B 57 -10.00 8.11 1.03
CA THR B 57 -11.41 7.79 1.28
C THR B 57 -12.11 7.58 -0.07
N SER B 58 -13.35 7.12 0.02
CA SER B 58 -14.21 6.81 -1.11
C SER B 58 -15.48 7.65 -1.04
N PRO B 59 -16.17 7.85 -2.16
CA PRO B 59 -17.49 8.50 -2.09
C PRO B 59 -18.50 7.73 -1.26
N LYS B 60 -18.32 6.42 -1.11
CA LYS B 60 -19.16 5.63 -0.21
C LYS B 60 -18.97 6.03 1.26
N ASP B 61 -18.05 6.94 1.55
CA ASP B 61 -17.86 7.43 2.91
C ASP B 61 -19.11 8.17 3.38
N GLY B 62 -19.60 7.81 4.56
CA GLY B 62 -20.75 8.49 5.11
C GLY B 62 -20.46 9.67 6.01
N SER B 63 -19.20 10.10 6.10
CA SER B 63 -18.82 11.14 7.06
C SER B 63 -18.03 12.27 6.40
N ILE B 64 -17.27 11.97 5.36
CA ILE B 64 -16.31 12.90 4.79
C ILE B 64 -16.84 13.42 3.47
N SER B 65 -16.73 14.73 3.27
CA SER B 65 -17.14 15.38 2.03
C SER B 65 -16.00 16.07 1.30
N ILE B 66 -14.97 16.54 2.00
CA ILE B 66 -13.88 17.29 1.40
C ILE B 66 -12.56 16.87 2.03
N LEU B 67 -11.55 16.62 1.22
CA LEU B 67 -10.17 16.54 1.66
C LEU B 67 -9.46 17.84 1.29
N GLY B 68 -8.55 18.28 2.15
CA GLY B 68 -7.80 19.48 1.84
C GLY B 68 -6.56 19.72 2.67
N SER B 69 -5.58 20.41 2.08
CA SER B 69 -4.37 20.80 2.78
C SER B 69 -4.05 22.26 2.44
N ASP B 70 -3.18 22.87 3.23
CA ASP B 70 -2.85 24.27 3.05
C ASP B 70 -1.39 24.48 3.40
N ASP B 71 -0.92 25.72 3.22
CA ASP B 71 0.42 26.15 3.59
C ASP B 71 1.49 25.32 2.87
N ALA B 72 1.31 25.18 1.56
CA ALA B 72 2.26 24.46 0.71
C ALA B 72 3.06 25.49 -0.08
N THR B 73 4.25 25.79 0.41
CA THR B 73 5.14 26.77 -0.23
C THR B 73 6.17 26.12 -1.14
N THR B 74 6.94 25.15 -0.63
CA THR B 74 7.80 24.34 -1.48
C THR B 74 7.34 22.89 -1.57
N SER B 75 6.41 22.46 -0.73
CA SER B 75 5.86 21.12 -0.80
C SER B 75 4.81 21.05 -1.90
N HIS B 76 4.46 19.81 -2.28
CA HIS B 76 3.49 19.56 -3.33
C HIS B 76 2.33 18.76 -2.78
N ILE B 77 1.11 19.23 -3.04
CA ILE B 77 -0.10 18.52 -2.65
C ILE B 77 -0.47 17.59 -3.80
N VAL B 78 -0.42 16.28 -3.54
CA VAL B 78 -0.67 15.26 -4.55
C VAL B 78 -2.07 14.69 -4.34
N VAL B 79 -2.83 14.59 -5.43
CA VAL B 79 -4.16 14.01 -5.41
C VAL B 79 -4.19 12.85 -6.40
N LEU B 80 -4.44 11.66 -5.89
CA LEU B 80 -4.57 10.46 -6.71
C LEU B 80 -6.00 9.94 -6.61
N ARG B 81 -6.65 9.78 -7.76
CA ARG B 81 -8.07 9.42 -7.80
C ARG B 81 -8.31 8.34 -8.81
N HIS B 82 -9.06 7.31 -8.41
CA HIS B 82 -9.53 6.27 -9.31
C HIS B 82 -10.96 6.62 -9.73
N THR B 83 -11.13 6.97 -11.00
CA THR B 83 -12.45 7.33 -11.49
C THR B 83 -13.38 6.12 -11.48
N GLY B 84 -14.68 6.41 -11.50
CA GLY B 84 -15.67 5.36 -11.39
C GLY B 84 -16.09 5.12 -9.94
N ASN B 85 -15.30 4.33 -9.21
CA ASN B 85 -15.60 4.12 -7.80
C ASN B 85 -15.31 5.37 -6.97
N GLY B 86 -14.31 6.15 -7.38
CA GLY B 86 -14.08 7.46 -6.80
C GLY B 86 -13.09 7.53 -5.66
N ALA B 87 -12.34 6.46 -5.41
CA ALA B 87 -11.35 6.47 -4.32
C ALA B 87 -10.35 7.59 -4.54
N THR B 88 -10.24 8.49 -3.56
CA THR B 88 -9.38 9.65 -3.65
C THR B 88 -8.35 9.63 -2.52
N CYS B 89 -7.17 10.19 -2.79
CA CYS B 89 -6.07 10.18 -1.84
C CYS B 89 -5.39 11.54 -1.85
N LEU B 90 -5.45 12.25 -0.73
CA LEU B 90 -4.83 13.57 -0.58
C LEU B 90 -3.54 13.41 0.20
N THR B 91 -2.46 14.02 -0.30
CA THR B 91 -1.15 13.92 0.31
C THR B 91 -0.44 15.27 0.22
N HIS B 92 0.44 15.53 1.18
CA HIS B 92 1.21 16.79 1.24
C HIS B 92 2.67 16.41 1.45
N CYS B 93 3.38 16.14 0.36
CA CYS B 93 4.75 15.65 0.42
C CYS B 93 5.73 16.81 0.48
N ASP B 94 6.70 16.72 1.40
CA ASP B 94 7.77 17.70 1.52
C ASP B 94 9.08 17.20 0.93
N GLY B 95 9.10 16.02 0.34
CA GLY B 95 10.33 15.44 -0.17
C GLY B 95 11.15 14.69 0.86
N THR B 96 10.53 14.32 2.00
CA THR B 96 11.28 13.62 3.04
C THR B 96 11.73 12.25 2.58
N ASP B 97 10.81 11.45 2.02
CA ASP B 97 11.13 10.09 1.63
C ASP B 97 10.20 9.64 0.49
N THR B 98 10.38 10.24 -0.69
CA THR B 98 9.48 9.97 -1.80
C THR B 98 9.50 8.50 -2.20
N LYS B 99 10.66 7.85 -2.11
CA LYS B 99 10.74 6.43 -2.46
C LYS B 99 9.87 5.56 -1.57
N ALA B 100 9.43 6.08 -0.42
CA ALA B 100 8.49 5.39 0.45
C ALA B 100 7.11 6.04 0.48
N GLU B 101 7.01 7.32 0.14
CA GLU B 101 5.72 8.00 0.16
C GLU B 101 4.85 7.59 -1.02
N VAL B 102 5.42 7.51 -2.23
CA VAL B 102 4.64 7.08 -3.39
C VAL B 102 4.14 5.65 -3.24
N PRO B 103 4.94 4.68 -2.77
CA PRO B 103 4.35 3.36 -2.47
C PRO B 103 3.22 3.41 -1.45
N LEU B 104 3.28 4.34 -0.49
CA LEU B 104 2.18 4.46 0.46
C LEU B 104 0.92 4.98 -0.20
N ILE B 105 1.06 5.88 -1.17
CA ILE B 105 -0.10 6.40 -1.90
C ILE B 105 -0.72 5.30 -2.76
N MET B 106 0.12 4.47 -3.39
CA MET B 106 -0.39 3.42 -4.26
C MET B 106 -1.06 2.32 -3.44
N ASN B 107 -0.54 2.02 -2.25
CA ASN B 107 -1.16 1.00 -1.40
C ASN B 107 -2.51 1.46 -0.88
N SER B 108 -2.68 2.76 -0.66
CA SER B 108 -3.93 3.26 -0.12
C SER B 108 -5.04 3.24 -1.17
N ILE B 109 -4.73 3.66 -2.39
CA ILE B 109 -5.74 3.72 -3.44
C ILE B 109 -6.22 2.32 -3.81
N LYS B 110 -5.30 1.35 -3.86
CA LYS B 110 -5.65 -0.01 -4.26
C LYS B 110 -6.42 -0.77 -3.20
N SER B 111 -6.77 -0.15 -2.07
CA SER B 111 -7.50 -0.85 -1.03
C SER B 111 -8.96 -1.08 -1.42
N PHE B 112 -9.51 -0.23 -2.26
CA PHE B 112 -10.93 -0.28 -2.60
C PHE B 112 -11.16 -1.18 -3.79
N SER B 113 -12.34 -1.80 -3.81
CA SER B 113 -12.66 -2.92 -4.70
C SER B 113 -11.76 -4.11 -4.38
N ALA B 116 -12.83 -1.94 -9.33
CA ALA B 116 -11.73 -1.09 -9.80
C ALA B 116 -11.16 -1.61 -11.11
N GLN B 117 -11.99 -2.28 -11.90
CA GLN B 117 -11.63 -2.68 -13.25
C GLN B 117 -12.13 -1.69 -14.30
N CYS B 118 -13.04 -0.80 -13.94
CA CYS B 118 -13.49 0.30 -14.79
C CYS B 118 -12.90 1.61 -14.26
N GLY B 119 -12.84 2.60 -15.15
CA GLY B 119 -12.23 3.86 -14.80
C GLY B 119 -10.71 3.77 -14.90
N ARG B 120 -10.06 4.86 -14.48
CA ARG B 120 -8.61 4.99 -14.60
C ARG B 120 -8.07 5.72 -13.38
N LEU B 121 -6.75 5.72 -13.26
CA LEU B 121 -6.05 6.46 -12.22
C LEU B 121 -5.63 7.82 -12.75
N GLU B 122 -5.97 8.87 -12.01
CA GLU B 122 -5.62 10.24 -12.37
C GLU B 122 -4.87 10.89 -11.22
N VAL B 123 -3.76 11.55 -11.53
CA VAL B 123 -2.92 12.17 -10.51
C VAL B 123 -2.88 13.68 -10.74
N HIS B 124 -2.82 14.42 -9.63
CA HIS B 124 -2.80 15.87 -9.64
C HIS B 124 -1.62 16.34 -8.81
N LEU B 125 -0.83 17.27 -9.36
CA LEU B 125 0.35 17.80 -8.68
C LEU B 125 0.27 19.32 -8.70
N VAL B 126 0.12 19.91 -7.51
CA VAL B 126 0.09 21.36 -7.37
C VAL B 126 0.97 21.75 -6.19
N GLY B 127 1.38 23.00 -6.19
CA GLY B 127 2.19 23.55 -5.11
C GLY B 127 3.59 23.90 -5.56
N GLY B 128 4.32 24.53 -4.65
CA GLY B 128 5.69 24.92 -4.92
C GLY B 128 5.78 26.22 -5.70
N PHE B 129 7.03 26.64 -5.90
CA PHE B 129 7.33 27.82 -6.70
C PHE B 129 8.81 27.76 -7.08
N SER B 130 9.24 28.71 -7.90
CA SER B 130 10.63 28.81 -8.32
C SER B 130 11.43 29.42 -7.18
N ASP B 131 12.10 28.59 -6.40
CA ASP B 131 12.84 29.02 -5.23
C ASP B 131 14.35 28.99 -5.50
N ASP B 132 15.09 29.61 -4.59
CA ASP B 132 16.55 29.60 -4.69
C ASP B 132 17.14 28.26 -4.27
N ARG B 133 16.40 27.48 -3.47
CA ARG B 133 16.88 26.17 -3.02
C ARG B 133 16.60 25.05 -4.01
N GLN B 134 15.78 25.30 -5.04
CA GLN B 134 15.36 24.27 -6.00
C GLN B 134 14.69 23.10 -5.32
N LEU B 135 14.04 23.34 -4.17
CA LEU B 135 13.39 22.26 -3.44
C LEU B 135 12.14 21.78 -4.19
N SER B 136 11.38 22.71 -4.78
CA SER B 136 10.22 22.30 -5.55
C SER B 136 10.62 21.63 -6.86
N GLN B 137 11.73 22.07 -7.46
CA GLN B 137 12.21 21.44 -8.68
C GLN B 137 12.66 20.01 -8.42
N LYS B 138 13.33 19.78 -7.29
CA LYS B 138 13.76 18.43 -6.93
C LYS B 138 12.57 17.55 -6.59
N LEU B 139 11.61 18.08 -5.84
CA LEU B 139 10.44 17.29 -5.46
C LEU B 139 9.60 16.93 -6.68
N THR B 140 9.50 17.84 -7.65
CA THR B 140 8.79 17.52 -8.89
C THR B 140 9.50 16.42 -9.66
N HIS B 141 10.83 16.45 -9.68
CA HIS B 141 11.58 15.40 -10.35
C HIS B 141 11.38 14.04 -9.66
N GLN B 142 11.32 14.04 -8.33
CA GLN B 142 11.20 12.79 -7.60
C GLN B 142 9.79 12.20 -7.72
N LEU B 143 8.77 13.04 -7.71
CA LEU B 143 7.40 12.54 -7.76
C LEU B 143 7.09 11.95 -9.13
N LEU B 144 7.41 12.67 -10.20
CA LEU B 144 7.16 12.16 -11.54
C LEU B 144 7.94 10.88 -11.82
N SER B 145 9.15 10.77 -11.26
CA SER B 145 9.98 9.59 -11.50
C SER B 145 9.44 8.38 -10.75
N GLU B 146 9.16 8.55 -9.45
CA GLU B 146 8.65 7.44 -8.66
C GLU B 146 7.22 7.06 -9.04
N PHE B 147 6.50 7.95 -9.71
CA PHE B 147 5.19 7.59 -10.25
C PHE B 147 5.33 6.86 -11.59
N ASP B 148 6.35 7.22 -12.39
CA ASP B 148 6.57 6.54 -13.65
C ASP B 148 7.10 5.12 -13.44
N ARG B 149 7.76 4.87 -12.31
CA ARG B 149 8.23 3.53 -12.00
C ARG B 149 7.09 2.58 -11.69
N GLN B 150 5.91 3.09 -11.37
CA GLN B 150 4.77 2.24 -11.06
C GLN B 150 4.31 1.49 -12.31
N GLU B 151 3.74 0.30 -12.08
CA GLU B 151 3.23 -0.49 -13.19
C GLU B 151 1.86 -0.03 -13.64
N ASP B 152 1.06 0.53 -12.74
CA ASP B 152 -0.29 0.98 -13.08
C ASP B 152 -0.23 2.19 -14.00
N ASP B 153 -1.20 2.27 -14.90
CA ASP B 153 -1.32 3.41 -15.81
C ASP B 153 -1.87 4.59 -15.03
N ILE B 154 -1.00 5.54 -14.68
CA ILE B 154 -1.40 6.76 -13.97
C ILE B 154 -1.40 7.90 -14.97
N HIS B 155 -2.51 8.65 -15.03
CA HIS B 155 -2.69 9.72 -15.99
C HIS B 155 -2.50 11.06 -15.31
N LEU B 156 -1.48 11.81 -15.75
CA LEU B 156 -1.23 13.15 -15.24
C LEU B 156 -2.24 14.11 -15.86
N VAL B 157 -3.21 14.55 -15.06
CA VAL B 157 -4.22 15.48 -15.55
C VAL B 157 -4.06 16.89 -14.98
N THR B 158 -3.31 17.06 -13.90
CA THR B 158 -3.06 18.37 -13.31
C THR B 158 -1.57 18.52 -13.02
N LEU B 159 -1.03 19.68 -13.36
CA LEU B 159 0.39 19.94 -13.12
C LEU B 159 0.56 21.45 -13.02
N CYS B 160 0.33 21.98 -11.82
CA CYS B 160 0.48 23.40 -11.52
C CYS B 160 1.56 23.53 -10.44
N VAL B 161 2.81 23.28 -10.81
CA VAL B 161 3.91 23.20 -9.88
C VAL B 161 5.01 24.17 -10.29
N THR B 162 5.77 24.63 -9.30
CA THR B 162 6.98 25.40 -9.49
C THR B 162 6.77 26.60 -10.39
N GLU B 163 7.15 26.46 -11.66
CA GLU B 163 7.14 27.61 -12.55
C GLU B 163 5.73 28.06 -12.86
N LEU B 164 4.79 27.12 -13.01
CA LEU B 164 3.40 27.48 -13.23
C LEU B 164 2.69 27.92 -11.95
N ASN B 165 3.37 27.94 -10.82
CA ASN B 165 2.80 28.42 -9.56
C ASN B 165 3.65 29.52 -8.96
N ASP B 166 4.40 30.24 -9.78
CA ASP B 166 5.37 31.22 -9.32
C ASP B 166 4.99 32.62 -9.78
N ARG B 167 5.12 33.58 -8.88
CA ARG B 167 4.89 34.99 -9.17
C ARG B 167 5.97 35.81 -8.47
N GLU B 168 6.43 36.86 -9.12
CA GLU B 168 7.49 37.70 -8.58
C GLU B 168 6.94 39.07 -8.18
N GLU B 169 7.29 39.50 -6.97
CA GLU B 169 6.96 40.84 -6.47
C GLU B 169 8.20 41.36 -5.77
N ASN B 170 8.70 42.51 -6.24
CA ASN B 170 10.01 43.03 -5.81
C ASN B 170 11.12 42.04 -6.13
N GLU B 171 10.97 41.33 -7.24
CA GLU B 171 11.94 40.32 -7.71
C GLU B 171 12.18 39.22 -6.68
N ASN B 172 11.20 38.98 -5.82
CA ASN B 172 11.18 37.79 -4.96
C ASN B 172 10.06 36.88 -5.41
N HIS B 173 10.32 35.58 -5.39
CA HIS B 173 9.40 34.60 -5.96
C HIS B 173 8.57 33.95 -4.85
N PHE B 174 7.26 33.98 -5.02
CA PHE B 174 6.29 33.43 -4.09
C PHE B 174 5.38 32.46 -4.83
N PRO B 175 4.75 31.52 -4.12
CA PRO B 175 3.76 30.65 -4.76
C PRO B 175 2.38 31.29 -4.84
N VAL B 176 1.67 30.93 -5.91
CA VAL B 176 0.32 31.46 -6.10
C VAL B 176 -0.70 30.65 -5.31
N ILE B 177 -0.66 29.34 -5.45
CA ILE B 177 -1.61 28.45 -4.78
C ILE B 177 -0.95 27.91 -3.52
N TYR B 178 -1.57 28.16 -2.37
CA TYR B 178 -1.09 27.65 -1.09
C TYR B 178 -1.88 26.44 -0.60
N GLY B 179 -3.10 26.24 -1.10
CA GLY B 179 -3.91 25.13 -0.67
C GLY B 179 -4.97 24.80 -1.70
N ILE B 180 -5.37 23.53 -1.73
CA ILE B 180 -6.43 23.06 -2.61
C ILE B 180 -7.34 22.13 -1.82
N ALA B 181 -8.61 22.09 -2.21
CA ALA B 181 -9.58 21.17 -1.64
C ALA B 181 -10.03 20.19 -2.70
N VAL B 182 -10.67 19.11 -2.26
CA VAL B 182 -11.13 18.04 -3.14
C VAL B 182 -12.48 17.54 -2.65
N ASN B 183 -13.51 17.70 -3.47
CA ASN B 183 -14.80 17.09 -3.18
C ASN B 183 -14.78 15.62 -3.57
N ILE B 184 -15.11 14.74 -2.61
CA ILE B 184 -14.97 13.31 -2.84
C ILE B 184 -15.98 12.82 -3.88
N LYS B 185 -17.18 13.39 -3.88
CA LYS B 185 -18.23 12.87 -4.74
C LYS B 185 -18.17 13.43 -6.16
N THR B 186 -17.78 14.70 -6.32
CA THR B 186 -17.70 15.31 -7.64
C THR B 186 -16.29 15.31 -8.22
N ALA B 187 -15.27 15.05 -7.40
CA ALA B 187 -13.88 15.02 -7.85
C ALA B 187 -13.46 16.37 -8.43
N GLU B 188 -13.82 17.44 -7.72
CA GLU B 188 -13.49 18.80 -8.14
C GLU B 188 -12.43 19.38 -7.21
N ILE B 189 -11.35 19.90 -7.80
CA ILE B 189 -10.24 20.49 -7.08
C ILE B 189 -10.33 22.00 -7.23
N TYR B 190 -10.15 22.72 -6.13
CA TYR B 190 -10.26 24.17 -6.14
C TYR B 190 -9.38 24.76 -5.05
N ARG B 191 -8.85 25.95 -5.33
CA ARG B 191 -8.08 26.68 -4.33
C ARG B 191 -8.94 26.95 -3.10
N ALA B 192 -8.40 26.69 -1.93
CA ALA B 192 -9.20 26.80 -0.71
C ALA B 192 -8.30 26.99 0.50
N SER B 193 -8.74 27.83 1.42
CA SER B 193 -8.15 27.97 2.74
C SER B 193 -9.11 27.42 3.78
N PHE B 194 -8.55 27.02 4.92
CA PHE B 194 -9.31 26.30 5.94
C PHE B 194 -9.14 26.99 7.29
N GLN B 195 -10.26 27.33 7.92
CA GLN B 195 -10.21 28.00 9.22
C GLN B 195 -9.92 27.00 10.34
N ASP B 196 -10.68 25.92 10.41
CA ASP B 196 -10.52 24.91 11.44
C ASP B 196 -9.85 23.67 10.85
N ARG B 197 -8.74 23.26 11.47
CA ARG B 197 -7.88 22.21 10.92
C ARG B 197 -7.90 20.95 11.79
N GLY B 198 -9.08 20.57 12.26
CA GLY B 198 -9.25 19.33 12.98
C GLY B 198 -8.67 19.35 14.39
N PRO B 199 -8.74 18.22 15.08
CA PRO B 199 -8.22 18.15 16.44
C PRO B 199 -6.72 17.94 16.49
N GLU B 200 -6.13 18.34 17.61
CA GLU B 200 -4.70 18.15 17.89
C GLU B 200 -3.84 18.75 16.79
N GLU B 201 -4.12 20.01 16.46
CA GLU B 201 -3.34 20.70 15.44
C GLU B 201 -1.90 20.94 15.87
N GLN B 202 -1.63 20.96 17.18
CA GLN B 202 -0.29 21.20 17.70
C GLN B 202 0.53 19.91 17.81
N LEU B 203 -0.10 18.82 18.22
CA LEU B 203 0.61 17.54 18.28
C LEU B 203 1.01 17.06 16.90
N ARG B 204 0.08 17.13 15.94
CA ARG B 204 0.37 16.63 14.59
C ARG B 204 1.40 17.50 13.88
N ALA B 205 1.41 18.80 14.15
CA ALA B 205 2.45 19.67 13.59
C ALA B 205 3.78 19.47 14.32
N ALA B 206 3.73 19.05 15.59
CA ALA B 206 4.97 18.79 16.31
C ALA B 206 5.63 17.51 15.84
N ARG B 207 4.85 16.46 15.61
CA ARG B 207 5.39 15.21 15.08
C ARG B 207 6.12 15.43 13.77
N THR B 208 5.68 16.40 12.97
CA THR B 208 6.35 16.71 11.72
C THR B 208 7.69 17.41 11.98
N LEU B 209 7.69 18.43 12.85
CA LEU B 209 8.92 19.14 13.16
C LEU B 209 9.91 18.27 13.92
N ALA B 210 9.44 17.21 14.59
CA ALA B 210 10.32 16.29 15.30
C ALA B 210 10.98 15.27 14.39
N GLY B 211 10.73 15.32 13.08
CA GLY B 211 11.31 14.40 12.15
C GLY B 211 10.49 13.18 11.80
N GLY B 212 9.24 13.11 12.25
CA GLY B 212 8.39 11.98 11.97
C GLY B 212 8.18 11.77 10.48
N PRO B 213 8.06 10.52 10.06
CA PRO B 213 7.83 10.21 8.65
C PRO B 213 6.38 10.50 8.26
N MET B 214 6.07 10.30 6.98
CA MET B 214 4.71 10.50 6.51
C MET B 214 3.80 9.40 7.04
N ILE B 215 2.56 9.78 7.37
CA ILE B 215 1.62 8.89 8.01
C ILE B 215 0.26 8.98 7.31
N SER B 216 -0.56 7.96 7.56
CA SER B 216 -1.95 7.91 7.09
C SER B 216 -2.85 8.11 8.30
N ILE B 217 -3.58 9.23 8.33
CA ILE B 217 -4.30 9.66 9.52
C ILE B 217 -5.77 9.24 9.55
N TYR B 218 -6.30 8.69 8.46
CA TYR B 218 -7.73 8.42 8.37
C TYR B 218 -7.97 6.95 8.01
N ASP B 219 -8.86 6.31 8.76
CA ASP B 219 -9.31 4.95 8.49
C ASP B 219 -10.68 5.04 7.83
N ALA B 220 -10.76 4.66 6.55
CA ALA B 220 -11.99 4.86 5.79
C ALA B 220 -13.07 3.84 6.13
N GLU B 221 -12.67 2.64 6.57
CA GLU B 221 -13.66 1.60 6.85
C GLU B 221 -14.48 1.95 8.08
N THR B 222 -13.82 2.30 9.18
CA THR B 222 -14.50 2.70 10.40
C THR B 222 -14.83 4.18 10.43
N GLU B 223 -14.34 4.96 9.46
CA GLU B 223 -14.58 6.40 9.37
C GLU B 223 -14.15 7.10 10.66
N GLN B 224 -12.94 6.79 11.11
CA GLN B 224 -12.38 7.34 12.33
C GLN B 224 -11.04 7.99 12.02
N LEU B 225 -10.75 9.08 12.75
CA LEU B 225 -9.45 9.73 12.68
C LEU B 225 -8.50 9.05 13.67
N ARG B 226 -7.30 8.74 13.20
CA ARG B 226 -6.30 8.05 14.01
C ARG B 226 -5.08 8.95 14.16
N ILE B 227 -4.95 9.58 15.32
CA ILE B 227 -3.81 10.44 15.64
C ILE B 227 -3.04 9.77 16.75
N GLY B 228 -1.82 9.31 16.44
CA GLY B 228 -0.99 8.64 17.39
C GLY B 228 -1.04 7.13 17.24
N PRO B 229 -0.27 6.40 18.07
CA PRO B 229 0.67 6.97 19.03
C PRO B 229 1.95 7.47 18.37
N TYR B 230 2.32 8.72 18.65
CA TYR B 230 3.53 9.31 18.12
C TYR B 230 4.64 9.25 19.17
N SER B 231 5.88 9.26 18.70
CA SER B 231 7.03 9.20 19.59
C SER B 231 8.22 9.84 18.90
N TRP B 232 9.04 10.57 19.66
CA TRP B 232 10.21 11.20 19.09
C TRP B 232 11.22 11.50 20.19
N THR B 233 12.49 11.57 19.79
CA THR B 233 13.52 12.02 20.70
C THR B 233 13.39 13.53 20.90
N PRO B 234 13.87 14.05 22.03
CA PRO B 234 13.73 15.50 22.29
C PRO B 234 14.35 16.34 21.18
N PHE B 235 13.73 17.49 20.94
CA PHE B 235 14.15 18.35 19.84
C PHE B 235 15.46 19.05 20.20
N PRO B 236 16.42 19.08 19.28
CA PRO B 236 17.72 19.71 19.56
C PRO B 236 17.59 21.21 19.76
N HIS B 237 18.02 21.69 20.92
CA HIS B 237 18.10 23.13 21.22
C HIS B 237 16.72 23.79 21.15
N VAL B 238 15.76 23.18 21.85
CA VAL B 238 14.40 23.73 21.85
C VAL B 238 14.36 25.08 22.56
N ASP B 239 15.16 25.26 23.61
CA ASP B 239 15.16 26.53 24.33
C ASP B 239 15.80 27.64 23.52
N PHE B 240 16.82 27.31 22.72
CA PHE B 240 17.52 28.34 21.95
C PHE B 240 16.64 28.90 20.84
N TRP B 241 15.93 28.03 20.12
CA TRP B 241 15.15 28.49 18.97
C TRP B 241 13.97 29.34 19.40
N LEU B 242 13.45 29.12 20.62
CA LEU B 242 12.34 29.94 21.09
C LEU B 242 12.77 31.38 21.34
N HIS B 243 14.03 31.58 21.72
CA HIS B 243 14.53 32.92 22.03
C HIS B 243 15.09 33.65 20.83
N GLN B 244 14.97 33.07 19.63
CA GLN B 244 15.47 33.74 18.43
C GLN B 244 14.43 34.70 17.89
N ASP B 245 14.90 35.82 17.33
CA ASP B 245 13.99 36.76 16.68
C ASP B 245 13.32 36.09 15.48
N ASP B 246 12.21 36.68 15.06
CA ASP B 246 11.40 36.08 13.99
C ASP B 246 12.20 35.92 12.70
N LYS B 247 13.16 36.82 12.43
CA LYS B 247 13.93 36.72 11.20
C LYS B 247 14.81 35.46 11.19
N GLN B 248 15.43 35.15 12.32
CA GLN B 248 16.31 33.98 12.38
C GLN B 248 15.53 32.67 12.43
N ILE B 249 14.29 32.71 12.93
CA ILE B 249 13.47 31.50 12.97
C ILE B 249 13.04 31.11 11.57
N LEU B 250 12.67 32.08 10.74
CA LEU B 250 12.22 31.78 9.38
C LEU B 250 13.35 31.29 8.49
N GLU B 251 14.56 31.83 8.69
CA GLU B 251 15.67 31.50 7.81
C GLU B 251 16.19 30.09 8.04
N ASN B 252 15.88 29.47 9.17
CA ASN B 252 16.42 28.16 9.52
C ASN B 252 15.36 27.09 9.68
N LEU B 253 14.23 27.39 10.32
CA LEU B 253 13.18 26.41 10.54
C LEU B 253 12.11 26.43 9.44
N SER B 254 12.43 26.97 8.26
CA SER B 254 11.51 27.01 7.15
C SER B 254 12.26 26.85 5.85
N THR B 255 11.67 26.13 4.89
CA THR B 255 12.35 25.91 3.62
C THR B 255 12.32 27.17 2.76
N SER B 256 11.28 27.98 2.91
CA SER B 256 11.14 29.24 2.16
C SER B 256 10.94 30.38 3.14
N PRO B 257 12.01 31.08 3.54
CA PRO B 257 11.85 32.14 4.54
C PRO B 257 10.96 33.29 4.08
N LEU B 258 11.28 33.88 2.93
CA LEU B 258 10.58 35.08 2.48
C LEU B 258 9.20 34.80 1.91
N ALA B 259 8.91 33.56 1.53
CA ALA B 259 7.67 33.23 0.84
C ALA B 259 6.65 32.53 1.72
N GLU B 260 6.83 32.55 3.04
CA GLU B 260 5.92 31.76 3.85
C GLU B 260 4.63 32.54 4.12
N PRO B 261 3.55 31.85 4.45
CA PRO B 261 2.29 32.54 4.75
C PRO B 261 2.45 33.45 5.96
N PRO B 262 1.58 34.45 6.09
CA PRO B 262 1.65 35.33 7.26
C PRO B 262 1.31 34.57 8.54
N HIS B 263 1.84 35.09 9.66
CA HIS B 263 1.64 34.51 10.99
C HIS B 263 2.17 33.08 11.10
N PHE B 264 3.05 32.68 10.19
CA PHE B 264 3.69 31.37 10.31
C PHE B 264 4.69 31.35 11.45
N VAL B 265 5.26 32.51 11.79
CA VAL B 265 6.20 32.57 12.90
C VAL B 265 5.53 32.13 14.19
N GLU B 266 4.27 32.53 14.38
CA GLU B 266 3.54 32.23 15.60
C GLU B 266 3.19 30.75 15.72
N HIS B 267 3.19 30.01 14.61
CA HIS B 267 2.95 28.57 14.67
C HIS B 267 4.23 27.78 14.89
N ILE B 268 5.38 28.30 14.44
CA ILE B 268 6.65 27.67 14.77
C ILE B 268 6.88 27.72 16.28
N ARG B 269 6.73 28.91 16.87
CA ARG B 269 6.88 29.04 18.31
C ARG B 269 5.87 28.19 19.06
N SER B 270 4.65 28.08 18.52
CA SER B 270 3.65 27.21 19.13
C SER B 270 4.11 25.75 19.10
N THR B 271 4.65 25.31 17.97
CA THR B 271 5.16 23.94 17.88
C THR B 271 6.40 23.75 18.74
N LEU B 272 7.33 24.72 18.69
CA LEU B 272 8.52 24.63 19.52
C LEU B 272 8.17 24.60 21.01
N MET B 273 7.19 25.41 21.42
CA MET B 273 6.75 25.36 22.81
C MET B 273 6.13 24.01 23.16
N PHE B 274 5.45 23.38 22.20
CA PHE B 274 4.88 22.07 22.45
C PHE B 274 5.97 21.02 22.66
N LEU B 275 7.08 21.14 21.93
CA LEU B 275 8.16 20.17 22.06
C LEU B 275 8.89 20.32 23.40
N LYS B 276 9.01 21.54 23.92
CA LYS B 276 9.62 21.73 25.23
C LYS B 276 8.77 21.09 26.32
N LYS B 277 7.44 21.29 26.26
CA LYS B 277 6.56 20.72 27.27
C LYS B 277 6.57 19.19 27.25
N HIS B 278 6.81 18.59 26.08
CA HIS B 278 6.77 17.14 25.92
C HIS B 278 8.06 16.69 25.23
N PRO B 279 9.10 16.40 25.99
CA PRO B 279 10.33 15.86 25.36
C PRO B 279 10.10 14.51 24.69
N SER B 280 9.42 13.59 25.38
CA SER B 280 9.08 12.29 24.82
C SER B 280 7.59 12.04 25.07
N PRO B 281 6.77 11.98 24.03
CA PRO B 281 5.32 11.80 24.23
C PRO B 281 4.85 10.36 24.41
N ALA B 282 5.72 9.37 24.21
CA ALA B 282 5.30 7.98 24.36
C ALA B 282 4.84 7.68 25.78
N HIS B 283 5.42 8.37 26.77
CA HIS B 283 5.10 8.07 28.16
C HIS B 283 3.78 8.69 28.58
N THR B 284 3.59 9.98 28.31
CA THR B 284 2.51 10.75 28.91
C THR B 284 1.27 10.86 28.03
N LEU B 285 1.42 11.11 26.73
CA LEU B 285 0.29 11.51 25.90
C LEU B 285 -0.66 10.38 25.59
N PHE B 286 -0.16 9.15 25.41
CA PHE B 286 -0.96 8.05 24.92
C PHE B 286 -1.11 6.99 26.01
N SER B 287 -2.34 6.73 26.41
CA SER B 287 -2.63 5.74 27.45
C SER B 287 -2.66 4.34 26.83
N GLY B 288 -1.75 3.48 27.28
CA GLY B 288 -1.65 2.15 26.73
C GLY B 288 -1.14 2.09 25.31
N ASN B 289 -0.51 3.18 24.84
CA ASN B 289 -0.01 3.28 23.46
C ASN B 289 -1.12 2.98 22.45
N LYS B 290 -2.27 3.62 22.66
CA LYS B 290 -3.40 3.53 21.76
C LYS B 290 -3.68 4.90 21.17
N ALA B 291 -4.17 4.91 19.93
CA ALA B 291 -4.37 6.15 19.21
C ALA B 291 -5.58 6.91 19.73
N LEU B 292 -5.55 8.23 19.57
CA LEU B 292 -6.69 9.09 19.89
C LEU B 292 -7.68 9.04 18.73
N LEU B 293 -8.85 8.46 18.97
CA LEU B 293 -9.83 8.22 17.93
C LEU B 293 -10.89 9.31 17.92
N TYR B 294 -11.26 9.75 16.71
CA TYR B 294 -12.28 10.76 16.52
C TYR B 294 -13.25 10.29 15.44
N LYS B 295 -14.52 10.68 15.59
CA LYS B 295 -15.56 10.35 14.61
C LYS B 295 -16.31 11.63 14.26
N LYS B 296 -17.22 11.50 13.29
CA LYS B 296 -17.99 12.63 12.79
C LYS B 296 -19.38 12.63 13.42
N ASN B 297 -19.75 13.74 14.03
CA ASN B 297 -21.06 13.83 14.65
C ASN B 297 -22.11 14.23 13.62
N GLU B 298 -23.35 14.35 14.08
CA GLU B 298 -24.43 14.83 13.22
C GLU B 298 -24.10 16.20 12.64
N ASP B 299 -23.45 17.05 13.43
CA ASP B 299 -23.11 18.40 12.99
C ASP B 299 -22.07 18.39 11.87
N GLY B 300 -21.41 17.25 11.65
CA GLY B 300 -20.32 17.17 10.71
C GLY B 300 -18.98 17.58 11.25
N LEU B 301 -18.79 17.51 12.57
CA LEU B 301 -17.57 17.94 13.21
C LEU B 301 -16.91 16.75 13.92
N TRP B 302 -15.62 16.90 14.21
CA TRP B 302 -14.87 15.83 14.86
C TRP B 302 -15.11 15.84 16.36
N GLU B 303 -15.50 14.69 16.90
CA GLU B 303 -15.66 14.51 18.34
C GLU B 303 -14.85 13.29 18.78
N LYS B 304 -14.18 13.41 19.92
CA LYS B 304 -13.41 12.30 20.44
C LYS B 304 -14.35 11.22 21.00
N ILE B 305 -13.83 10.00 21.11
CA ILE B 305 -14.61 8.90 21.65
C ILE B 305 -13.87 8.21 22.78
N ASN C 1 -5.17 -26.41 -6.54
CA ASN C 1 -5.10 -25.05 -7.07
C ASN C 1 -6.31 -24.76 -7.96
N LEU C 2 -6.74 -23.51 -7.95
CA LEU C 2 -7.92 -23.08 -8.71
C LEU C 2 -7.49 -22.50 -10.04
N ALA C 3 -8.18 -22.89 -11.10
CA ALA C 3 -7.99 -22.31 -12.43
C ALA C 3 -8.99 -21.19 -12.62
N ALA C 4 -8.50 -19.98 -12.82
CA ALA C 4 -9.36 -18.80 -12.98
C ALA C 4 -10.04 -18.80 -14.34
N ASN D 1 6.06 25.76 5.63
CA ASN D 1 6.99 24.67 5.33
C ASN D 1 8.05 24.49 6.42
N LEU D 2 7.78 23.56 7.35
CA LEU D 2 8.76 23.22 8.36
C LEU D 2 9.92 22.43 7.74
N ALA D 3 11.09 22.59 8.33
CA ALA D 3 12.28 21.89 7.86
C ALA D 3 12.83 20.95 8.93
C1 GOL E . -12.98 -10.55 24.54
O1 GOL E . -12.68 -11.34 23.41
C2 GOL E . -11.86 -9.55 24.82
O2 GOL E . -11.04 -10.03 25.85
C3 GOL E . -11.03 -9.31 23.56
O3 GOL E . -11.64 -8.33 22.76
C1 GOL F . 13.63 -20.76 -18.46
O1 GOL F . 14.20 -19.69 -17.74
C2 GOL F . 12.19 -20.94 -18.00
O2 GOL F . 12.15 -21.90 -16.97
C3 GOL F . 11.33 -21.39 -19.19
O3 GOL F . 9.97 -21.09 -18.97
C1 GOL G . 25.06 -17.54 -11.77
O1 GOL G . 24.17 -16.46 -11.67
C2 GOL G . 24.55 -18.51 -12.84
O2 GOL G . 25.65 -19.03 -13.56
C3 GOL G . 23.79 -19.65 -12.16
O3 GOL G . 23.15 -20.44 -13.13
P PO4 H . 23.48 -14.75 0.42
O1 PO4 H . 23.73 -13.36 0.94
O2 PO4 H . 22.90 -14.68 -0.98
O3 PO4 H . 22.48 -15.46 1.32
O4 PO4 H . 24.78 -15.52 0.41
P PO4 I . 12.07 -23.63 -13.26
O1 PO4 I . 12.70 -22.59 -14.15
O2 PO4 I . 10.70 -23.18 -12.82
O3 PO4 I . 11.93 -24.91 -14.03
O4 PO4 I . 12.92 -23.84 -12.04
P PO4 J . -10.96 -17.74 13.76
O1 PO4 J . -11.38 -16.85 14.92
O2 PO4 J . -11.42 -17.13 12.47
O3 PO4 J . -11.57 -19.11 13.93
O4 PO4 J . -9.44 -17.85 13.76
C1 GOL K . -5.94 12.66 -21.80
O1 GOL K . -6.29 13.14 -20.52
C2 GOL K . -6.10 11.15 -21.87
O2 GOL K . -4.99 10.51 -21.25
C3 GOL K . -6.21 10.70 -23.32
O3 GOL K . -6.17 9.29 -23.38
C1 GOL L . -7.82 18.66 21.28
O1 GOL L . -8.82 17.81 21.77
C2 GOL L . -8.32 19.40 20.04
O2 GOL L . -9.71 19.63 20.15
C3 GOL L . -7.59 20.72 19.90
O3 GOL L . -8.00 21.35 18.70
P PO4 M . 10.40 22.00 -12.49
O1 PO4 M . 10.93 23.38 -12.18
O2 PO4 M . 11.39 21.25 -13.35
O3 PO4 M . 9.09 22.14 -13.24
O4 PO4 M . 10.17 21.25 -11.20
P PO4 N . -13.47 20.00 14.54
O1 PO4 N . -14.09 21.33 14.93
O2 PO4 N . -12.62 19.48 15.69
O3 PO4 N . -12.63 20.16 13.31
O4 PO4 N . -14.58 19.01 14.25
P PO4 O . 14.33 18.42 -13.32
O1 PO4 O . 14.55 19.73 -14.04
O2 PO4 O . 14.61 17.28 -14.27
O3 PO4 O . 12.91 18.35 -12.85
O4 PO4 O . 15.27 18.33 -12.13
#